data_6NOZ
#
_entry.id   6NOZ
#
_cell.length_a   49.722
_cell.length_b   65.672
_cell.length_c   170.038
_cell.angle_alpha   90.000
_cell.angle_beta   90.000
_cell.angle_gamma   90.000
#
_symmetry.space_group_name_H-M   'C 2 2 21'
#
loop_
_entity.id
_entity.type
_entity.pdbx_description
1 polymer Polyprotein
2 non-polymer 'ZINC ION'
3 non-polymer GLYCEROL
4 water water
#
_entity_poly.entity_id   1
_entity_poly.type   'polypeptide(L)'
_entity_poly.pdbx_seq_one_letter_code
;SNNWDSHYGFDKAGEFHMLDHTGFAFPSEVVNGRRVLKTTDNN(CSO)WVNVTCLQLQFARFRFKSAGLQAMWESYCTGD
VAMFVHWLYWLTGVDKGQPSDSENALNMLSKYIVPAGSVTIERVTHDGCCCSKRVVTAPVVNASVLKLGVEDGLCPHGLN
YIDKVVVVKGTTIVVNVGKPVVAPSHLFLKGVSYTTFLDNGNGVAGHYTVFDHDTGMVHDGDVFVPGDLNVSPVTNVVVS
EQTAVVIKDPVK
;
_entity_poly.pdbx_strand_id   A
#
# COMPACT_ATOMS: atom_id res chain seq x y z
N SER A 1 18.77 -12.43 -26.74
CA SER A 1 17.46 -12.29 -26.13
C SER A 1 16.95 -10.85 -26.26
N ASN A 2 15.67 -10.68 -26.61
CA ASN A 2 15.11 -9.34 -26.78
C ASN A 2 15.22 -8.58 -25.46
N ASN A 3 15.68 -7.34 -25.52
CA ASN A 3 15.96 -6.52 -24.34
C ASN A 3 14.69 -5.88 -23.80
N TRP A 4 14.02 -6.57 -22.87
CA TRP A 4 12.74 -6.09 -22.33
C TRP A 4 12.91 -5.52 -20.92
N ASP A 5 14.01 -5.89 -20.27
CA ASP A 5 14.25 -5.47 -18.89
C ASP A 5 14.35 -3.96 -18.74
N SER A 6 14.90 -3.27 -19.74
CA SER A 6 15.05 -1.83 -19.61
C SER A 6 13.72 -1.11 -19.86
N HIS A 7 12.87 -1.68 -20.72
CA HIS A 7 11.54 -1.13 -20.94
C HIS A 7 10.65 -1.31 -19.72
N TYR A 8 10.62 -2.53 -19.17
CA TYR A 8 9.70 -2.85 -18.08
C TYR A 8 10.27 -2.54 -16.71
N GLY A 9 11.58 -2.62 -16.57
CA GLY A 9 12.23 -2.29 -15.31
C GLY A 9 12.12 -3.33 -14.22
N PHE A 10 11.87 -4.58 -14.59
CA PHE A 10 11.92 -5.66 -13.61
C PHE A 10 12.55 -6.90 -14.24
N ASP A 11 13.12 -7.76 -13.40
CA ASP A 11 13.82 -8.96 -13.89
C ASP A 11 12.88 -9.91 -14.61
N LYS A 12 13.40 -10.60 -15.62
CA LYS A 12 12.63 -11.58 -16.39
C LYS A 12 11.42 -10.97 -17.11
N ALA A 13 11.53 -9.70 -17.47
CA ALA A 13 10.45 -9.02 -18.19
C ALA A 13 10.15 -9.73 -19.52
N GLY A 14 11.17 -10.32 -20.13
CA GLY A 14 11.00 -11.00 -21.42
C GLY A 14 10.07 -12.20 -21.32
N GLU A 15 10.07 -12.85 -20.17
CA GLU A 15 9.14 -13.94 -19.93
C GLU A 15 7.72 -13.39 -19.81
N PHE A 16 7.55 -12.41 -18.94
CA PHE A 16 6.22 -11.86 -18.68
C PHE A 16 5.61 -11.26 -19.94
N HIS A 17 6.46 -10.63 -20.74
CA HIS A 17 6.01 -9.86 -21.89
C HIS A 17 5.17 -10.69 -22.85
N MET A 18 5.52 -11.96 -22.99
CA MET A 18 4.83 -12.81 -23.96
C MET A 18 3.60 -13.53 -23.41
N LEU A 19 3.37 -13.43 -22.10
CA LEU A 19 2.26 -14.17 -21.50
C LEU A 19 0.88 -13.62 -21.88
N ASP A 20 -0.08 -14.53 -21.95
CA ASP A 20 -1.50 -14.21 -22.09
C ASP A 20 -2.00 -13.69 -20.76
N HIS A 21 -2.52 -12.46 -20.73
CA HIS A 21 -2.96 -11.87 -19.45
C HIS A 21 -4.47 -11.92 -19.26
N THR A 22 -5.19 -12.44 -20.25
CA THR A 22 -6.64 -12.27 -20.28
C THR A 22 -7.35 -13.00 -19.13
N GLY A 23 -6.65 -13.95 -18.50
CA GLY A 23 -7.22 -14.67 -17.37
C GLY A 23 -7.35 -13.80 -16.13
N PHE A 24 -6.73 -12.63 -16.17
CA PHE A 24 -6.72 -11.74 -15.02
C PHE A 24 -7.53 -10.46 -15.26
N ALA A 25 -8.36 -10.48 -16.30
CA ALA A 25 -9.22 -9.34 -16.58
C ALA A 25 -10.42 -9.34 -15.64
N PHE A 26 -10.17 -9.06 -14.35
CA PHE A 26 -11.27 -8.97 -13.38
C PHE A 26 -12.19 -7.80 -13.73
N PRO A 27 -13.52 -8.01 -13.62
CA PRO A 27 -14.48 -6.91 -13.73
C PRO A 27 -14.09 -5.74 -12.82
N SER A 28 -14.10 -4.53 -13.36
CA SER A 28 -13.75 -3.34 -12.60
C SER A 28 -14.75 -2.21 -12.81
N GLU A 29 -14.74 -1.27 -11.88
CA GLU A 29 -15.62 -0.09 -11.91
C GLU A 29 -14.88 1.11 -11.36
N VAL A 30 -15.51 2.27 -11.43
CA VAL A 30 -14.98 3.47 -10.79
C VAL A 30 -15.93 3.85 -9.66
N VAL A 31 -15.40 3.90 -8.45
CA VAL A 31 -16.18 4.25 -7.26
C VAL A 31 -15.47 5.37 -6.53
N ASN A 32 -16.17 6.48 -6.30
CA ASN A 32 -15.58 7.67 -5.70
C ASN A 32 -14.27 8.05 -6.36
N GLY A 33 -14.21 7.96 -7.69
CA GLY A 33 -13.02 8.36 -8.41
C GLY A 33 -11.89 7.35 -8.47
N ARG A 34 -12.10 6.16 -7.89
CA ARG A 34 -11.05 5.16 -7.85
C ARG A 34 -11.40 3.93 -8.67
N ARG A 35 -10.41 3.38 -9.36
CA ARG A 35 -10.57 2.10 -10.04
C ARG A 35 -10.60 0.97 -9.01
N VAL A 36 -11.66 0.16 -9.05
CA VAL A 36 -11.82 -0.94 -8.10
C VAL A 36 -12.26 -2.21 -8.80
N LEU A 37 -11.94 -3.35 -8.19
CA LEU A 37 -12.26 -4.67 -8.73
C LEU A 37 -13.39 -5.33 -7.97
N LYS A 38 -14.28 -5.97 -8.70
CA LYS A 38 -15.35 -6.76 -8.11
C LYS A 38 -14.75 -7.88 -7.23
N THR A 39 -15.32 -8.10 -6.07
CA THR A 39 -14.83 -9.18 -5.22
C THR A 39 -15.08 -10.52 -5.88
N THR A 40 -14.01 -11.25 -6.15
CA THR A 40 -14.10 -12.58 -6.77
C THR A 40 -12.76 -13.30 -6.71
N ASP A 41 -12.80 -14.62 -6.64
CA ASP A 41 -11.57 -15.42 -6.66
C ASP A 41 -10.55 -15.01 -5.58
N ASN A 42 -11.05 -14.58 -4.42
CA ASN A 42 -10.17 -14.08 -3.35
C ASN A 42 -9.23 -12.95 -3.79
N ASN A 43 -9.69 -12.09 -4.68
CA ASN A 43 -8.79 -11.07 -5.23
C ASN A 43 -8.76 -9.78 -4.42
N TRP A 45 -6.92 -8.85 -1.95
CA TRP A 45 -5.56 -8.34 -1.72
C TRP A 45 -5.08 -7.49 -2.91
N VAL A 46 -5.54 -7.83 -4.11
CA VAL A 46 -5.22 -7.06 -5.30
C VAL A 46 -5.96 -5.73 -5.29
N ASN A 47 -7.25 -5.79 -4.98
CA ASN A 47 -8.07 -4.59 -4.96
C ASN A 47 -7.46 -3.53 -4.03
N VAL A 48 -7.09 -3.93 -2.82
CA VAL A 48 -6.66 -2.93 -1.85
C VAL A 48 -5.20 -2.53 -2.08
N THR A 49 -4.40 -3.43 -2.67
CA THR A 49 -3.06 -3.03 -3.06
C THR A 49 -3.14 -1.90 -4.08
N CYS A 50 -3.98 -2.07 -5.11
CA CYS A 50 -4.07 -1.05 -6.15
C CYS A 50 -4.79 0.22 -5.69
N LEU A 51 -5.72 0.09 -4.75
CA LEU A 51 -6.36 1.27 -4.17
C LEU A 51 -5.35 2.15 -3.47
N GLN A 52 -4.44 1.55 -2.69
CA GLN A 52 -3.47 2.37 -1.97
C GLN A 52 -2.47 3.01 -2.94
N LEU A 53 -2.17 2.35 -4.05
CA LEU A 53 -1.31 2.94 -5.07
C LEU A 53 -1.96 4.21 -5.62
N GLN A 54 -3.28 4.16 -5.78
CA GLN A 54 -4.05 5.28 -6.28
C GLN A 54 -4.14 6.41 -5.26
N PHE A 55 -4.50 6.05 -4.03
CA PHE A 55 -4.56 7.05 -2.96
C PHE A 55 -3.21 7.76 -2.80
N ALA A 56 -2.11 7.03 -2.99
CA ALA A 56 -0.78 7.62 -2.81
C ALA A 56 -0.33 8.43 -4.03
N ARG A 57 -1.08 8.32 -5.12
CA ARG A 57 -0.71 8.97 -6.39
C ARG A 57 0.69 8.57 -6.85
N PHE A 58 1.08 7.33 -6.60
CA PHE A 58 2.41 6.85 -6.97
C PHE A 58 2.52 6.65 -8.47
N ARG A 59 3.75 6.73 -8.98
CA ARG A 59 4.06 6.41 -10.37
C ARG A 59 5.21 5.40 -10.40
N PHE A 60 5.28 4.59 -11.44
CA PHE A 60 6.38 3.64 -11.56
C PHE A 60 7.54 4.22 -12.37
N LYS A 61 8.76 3.80 -12.06
CA LYS A 61 9.95 4.33 -12.70
C LYS A 61 10.01 4.01 -14.19
N SER A 62 9.66 2.78 -14.57
CA SER A 62 9.85 2.35 -15.95
C SER A 62 8.68 2.70 -16.85
N ALA A 63 8.97 2.81 -18.16
CA ALA A 63 7.93 3.09 -19.15
C ALA A 63 6.87 1.99 -19.16
N GLY A 64 7.33 0.75 -19.11
CA GLY A 64 6.46 -0.40 -19.24
C GLY A 64 5.50 -0.56 -18.06
N LEU A 65 6.04 -0.47 -16.84
CA LEU A 65 5.20 -0.60 -15.64
C LEU A 65 4.20 0.54 -15.55
N GLN A 66 4.65 1.76 -15.86
CA GLN A 66 3.76 2.90 -15.72
C GLN A 66 2.63 2.83 -16.73
N ALA A 67 2.94 2.36 -17.94
CA ALA A 67 1.90 2.16 -18.95
C ALA A 67 0.89 1.08 -18.50
N MET A 68 1.39 0.00 -17.92
CA MET A 68 0.54 -1.04 -17.33
C MET A 68 -0.36 -0.50 -16.22
N TRP A 69 0.24 0.33 -15.37
CA TRP A 69 -0.46 0.89 -14.24
C TRP A 69 -1.52 1.87 -14.71
N GLU A 70 -1.15 2.73 -15.66
CA GLU A 70 -2.11 3.68 -16.22
C GLU A 70 -3.26 2.97 -16.92
N SER A 71 -2.98 1.85 -17.61
CA SER A 71 -4.03 1.03 -18.21
C SER A 71 -4.98 0.48 -17.15
N TYR A 72 -4.41 0.03 -16.04
CA TYR A 72 -5.22 -0.47 -14.94
C TYR A 72 -6.19 0.61 -14.49
N CYS A 73 -5.69 1.81 -14.25
CA CYS A 73 -6.55 2.88 -13.74
C CYS A 73 -7.69 3.20 -14.72
N THR A 74 -7.41 3.13 -16.02
CA THR A 74 -8.46 3.41 -16.99
C THR A 74 -9.32 2.18 -17.32
N GLY A 75 -9.09 1.07 -16.62
CA GLY A 75 -10.03 -0.05 -16.72
C GLY A 75 -9.58 -1.26 -17.53
N ASP A 76 -8.39 -1.17 -18.11
CA ASP A 76 -7.77 -2.29 -18.82
C ASP A 76 -6.79 -2.96 -17.86
N VAL A 77 -7.35 -3.77 -16.96
CA VAL A 77 -6.66 -4.17 -15.73
C VAL A 77 -5.81 -5.42 -15.83
N ALA A 78 -5.99 -6.20 -16.90
CA ALA A 78 -5.47 -7.56 -16.93
C ALA A 78 -3.94 -7.64 -16.78
N MET A 79 -3.23 -6.82 -17.53
CA MET A 79 -1.78 -6.96 -17.55
C MET A 79 -1.18 -6.60 -16.19
N PHE A 80 -1.63 -5.50 -15.59
CA PHE A 80 -1.08 -5.13 -14.28
C PHE A 80 -1.45 -6.16 -13.21
N VAL A 81 -2.68 -6.66 -13.25
CA VAL A 81 -3.13 -7.63 -12.25
C VAL A 81 -2.35 -8.94 -12.39
N HIS A 82 -2.17 -9.39 -13.63
CA HIS A 82 -1.37 -10.57 -13.88
C HIS A 82 0.05 -10.38 -13.31
N TRP A 83 0.62 -9.20 -13.53
CA TRP A 83 1.98 -8.93 -13.05
C TRP A 83 2.06 -9.06 -11.52
N LEU A 84 1.04 -8.60 -10.81
CA LEU A 84 1.04 -8.74 -9.36
C LEU A 84 1.08 -10.21 -8.94
N TYR A 85 0.28 -11.06 -9.59
CA TYR A 85 0.28 -12.49 -9.28
C TYR A 85 1.59 -13.13 -9.69
N TRP A 86 2.07 -12.75 -10.86
CA TRP A 86 3.35 -13.25 -11.38
C TRP A 86 4.53 -12.87 -10.47
N LEU A 87 4.58 -11.61 -10.05
CA LEU A 87 5.68 -11.13 -9.21
C LEU A 87 5.69 -11.78 -7.83
N THR A 88 4.52 -11.86 -7.21
CA THR A 88 4.40 -12.42 -5.86
C THR A 88 4.39 -13.94 -5.86
N GLY A 89 4.11 -14.55 -7.02
CA GLY A 89 4.03 -16.00 -7.13
C GLY A 89 2.73 -16.58 -6.58
N VAL A 90 1.69 -15.75 -6.49
CA VAL A 90 0.40 -16.20 -5.96
C VAL A 90 -0.45 -16.85 -7.07
N ASP A 91 -1.16 -17.93 -6.74
CA ASP A 91 -2.09 -18.56 -7.67
C ASP A 91 -3.40 -17.78 -7.77
N LYS A 92 -3.90 -17.61 -9.00
CA LYS A 92 -5.22 -17.00 -9.16
C LYS A 92 -6.23 -17.83 -8.38
N GLY A 93 -7.10 -17.17 -7.62
CA GLY A 93 -8.08 -17.88 -6.83
C GLY A 93 -7.71 -18.02 -5.36
N GLN A 94 -6.45 -17.76 -5.03
CA GLN A 94 -5.98 -17.88 -3.66
C GLN A 94 -5.85 -16.52 -2.99
N PRO A 95 -6.15 -16.47 -1.68
CA PRO A 95 -5.99 -15.22 -0.93
C PRO A 95 -4.50 -14.93 -0.71
N SER A 96 -4.16 -13.65 -0.54
CA SER A 96 -2.78 -13.30 -0.25
C SER A 96 -2.69 -12.02 0.60
N ASP A 97 -1.46 -11.52 0.72
CA ASP A 97 -1.11 -10.45 1.65
C ASP A 97 -0.77 -9.17 0.91
N SER A 98 -1.57 -8.13 1.11
CA SER A 98 -1.37 -6.87 0.39
C SER A 98 -0.11 -6.15 0.85
N GLU A 99 0.19 -6.23 2.14
CA GLU A 99 1.40 -5.60 2.68
C GLU A 99 2.66 -6.22 2.09
N ASN A 100 2.65 -7.53 1.93
N ASN A 100 2.65 -7.54 1.93
CA ASN A 100 3.80 -8.20 1.29
CA ASN A 100 3.76 -8.23 1.26
C ASN A 100 3.93 -7.74 -0.17
C ASN A 100 3.92 -7.72 -0.16
N ALA A 101 2.80 -7.62 -0.87
CA ALA A 101 2.81 -7.13 -2.25
C ALA A 101 3.37 -5.71 -2.34
N LEU A 102 2.85 -4.82 -1.49
CA LEU A 102 3.29 -3.43 -1.47
C LEU A 102 4.80 -3.32 -1.19
N ASN A 103 5.29 -4.10 -0.24
CA ASN A 103 6.72 -4.14 0.04
C ASN A 103 7.55 -4.61 -1.17
N MET A 104 7.00 -5.50 -1.98
CA MET A 104 7.70 -5.93 -3.20
C MET A 104 7.66 -4.84 -4.27
N LEU A 105 6.60 -4.04 -4.25
CA LEU A 105 6.41 -3.02 -5.27
C LEU A 105 7.27 -1.79 -5.06
N SER A 106 7.69 -1.59 -3.81
CA SER A 106 8.37 -0.36 -3.38
C SER A 106 9.56 0.02 -4.28
N LYS A 107 10.42 -0.94 -4.60
CA LYS A 107 11.63 -0.64 -5.39
C LYS A 107 11.34 -0.17 -6.82
N TYR A 108 10.11 -0.35 -7.29
CA TYR A 108 9.74 0.01 -8.65
C TYR A 108 9.09 1.39 -8.76
N ILE A 109 8.82 2.01 -7.60
CA ILE A 109 8.02 3.22 -7.56
C ILE A 109 8.92 4.45 -7.45
N VAL A 110 8.56 5.51 -8.18
CA VAL A 110 9.26 6.79 -8.13
C VAL A 110 9.14 7.35 -6.72
N PRO A 111 10.29 7.58 -6.05
CA PRO A 111 10.25 8.12 -4.67
C PRO A 111 9.45 9.40 -4.58
N ALA A 112 8.66 9.55 -3.52
CA ALA A 112 7.72 10.67 -3.46
C ALA A 112 7.62 11.23 -2.06
N GLY A 113 8.48 10.78 -1.16
CA GLY A 113 8.37 11.22 0.22
C GLY A 113 9.56 10.88 1.06
N SER A 114 9.47 11.30 2.32
CA SER A 114 10.52 11.08 3.29
C SER A 114 9.85 10.85 4.63
N VAL A 115 10.25 9.79 5.33
CA VAL A 115 9.64 9.48 6.62
C VAL A 115 10.72 9.47 7.68
N THR A 116 10.53 10.25 8.74
CA THR A 116 11.46 10.20 9.86
C THR A 116 10.90 9.34 10.97
N ILE A 117 11.67 8.33 11.38
CA ILE A 117 11.27 7.42 12.45
C ILE A 117 12.21 7.61 13.64
N GLU A 118 11.63 7.93 14.78
CA GLU A 118 12.37 8.24 15.99
C GLU A 118 12.29 7.08 16.96
N ARG A 119 13.44 6.70 17.51
CA ARG A 119 13.54 5.65 18.49
C ARG A 119 14.01 6.27 19.79
N VAL A 120 13.13 6.41 20.77
CA VAL A 120 13.44 7.25 21.92
C VAL A 120 12.76 6.74 23.17
N THR A 121 13.40 6.97 24.31
CA THR A 121 12.88 6.58 25.61
C THR A 121 12.06 7.73 26.16
N HIS A 122 11.27 7.50 27.21
CA HIS A 122 10.30 8.51 27.61
C HIS A 122 10.95 9.71 28.28
N ASP A 123 12.16 9.57 28.82
CA ASP A 123 12.82 10.73 29.41
C ASP A 123 13.92 11.29 28.52
N GLY A 124 14.08 10.71 27.33
CA GLY A 124 15.02 11.21 26.35
C GLY A 124 16.46 10.77 26.56
N CYS A 125 16.67 9.82 27.46
CA CYS A 125 18.03 9.40 27.80
C CYS A 125 18.74 8.79 26.58
N CYS A 126 17.98 8.15 25.71
CA CYS A 126 18.52 7.59 24.48
C CYS A 126 17.61 7.97 23.33
N CYS A 127 18.19 8.41 22.23
CA CYS A 127 17.41 8.89 21.10
C CYS A 127 18.19 8.71 19.81
N SER A 128 17.53 8.15 18.80
CA SER A 128 18.13 8.07 17.47
C SER A 128 17.02 8.20 16.42
N LYS A 129 17.41 8.58 15.22
CA LYS A 129 16.44 8.84 14.15
C LYS A 129 16.94 8.28 12.84
N ARG A 130 16.02 7.78 12.03
CA ARG A 130 16.37 7.40 10.66
C ARG A 130 15.39 8.01 9.69
N VAL A 131 15.90 8.33 8.50
CA VAL A 131 15.10 8.91 7.45
C VAL A 131 14.97 7.88 6.33
N VAL A 132 13.73 7.53 6.01
CA VAL A 132 13.44 6.51 5.01
C VAL A 132 12.80 7.15 3.78
N THR A 133 13.36 6.91 2.60
CA THR A 133 12.80 7.46 1.37
C THR A 133 12.17 6.39 0.48
N ALA A 134 12.12 5.15 0.96
CA ALA A 134 11.36 4.10 0.27
C ALA A 134 9.89 4.50 0.24
N PRO A 135 9.23 4.36 -0.91
CA PRO A 135 7.79 4.63 -1.01
C PRO A 135 6.96 3.86 0.01
N VAL A 136 7.37 2.63 0.32
CA VAL A 136 6.66 1.84 1.32
C VAL A 136 7.55 1.67 2.57
N VAL A 137 7.05 2.12 3.72
N VAL A 137 7.08 2.15 3.71
CA VAL A 137 7.83 2.09 4.96
CA VAL A 137 7.87 2.06 4.93
C VAL A 137 7.19 1.16 5.97
C VAL A 137 7.19 1.13 5.94
N ASN A 138 7.99 0.34 6.64
CA ASN A 138 7.48 -0.54 7.66
C ASN A 138 7.69 0.06 9.02
N ALA A 139 6.59 0.50 9.63
CA ALA A 139 6.62 1.15 10.94
C ALA A 139 5.22 1.11 11.55
N SER A 140 5.10 1.53 12.81
CA SER A 140 3.79 1.52 13.45
C SER A 140 2.83 2.49 12.78
N VAL A 141 1.58 2.07 12.60
CA VAL A 141 0.56 2.99 12.12
C VAL A 141 -0.04 3.80 13.26
N LEU A 142 0.47 3.62 14.48
CA LEU A 142 -0.04 4.39 15.64
C LEU A 142 0.85 5.58 15.92
N LYS A 143 0.26 6.72 16.28
CA LYS A 143 1.06 7.87 16.65
C LYS A 143 2.03 7.54 17.78
N LEU A 144 1.59 6.72 18.74
CA LEU A 144 2.43 6.39 19.88
C LEU A 144 3.45 5.30 19.60
N GLY A 145 3.37 4.70 18.41
CA GLY A 145 4.38 3.75 17.99
C GLY A 145 4.40 2.44 18.75
N VAL A 146 5.58 1.80 18.78
CA VAL A 146 5.73 0.47 19.38
C VAL A 146 6.96 0.43 20.28
N GLU A 147 6.89 -0.42 21.31
CA GLU A 147 8.04 -0.68 22.19
C GLU A 147 9.02 -1.54 21.43
N ASP A 148 10.31 -1.28 21.61
CA ASP A 148 11.33 -1.92 20.77
C ASP A 148 12.60 -2.27 21.57
N GLY A 149 12.43 -2.88 22.74
CA GLY A 149 13.58 -3.32 23.52
C GLY A 149 14.02 -2.31 24.58
N LEU A 150 15.02 -2.68 25.38
CA LEU A 150 15.48 -1.83 26.48
C LEU A 150 16.71 -1.05 26.13
N CYS A 151 16.77 0.19 26.59
CA CYS A 151 17.97 0.99 26.41
C CYS A 151 18.92 0.61 27.54
N PRO A 152 20.19 1.08 27.48
CA PRO A 152 21.14 0.72 28.56
C PRO A 152 20.74 1.23 29.94
N HIS A 153 19.80 2.17 30.00
CA HIS A 153 19.41 2.79 31.26
C HIS A 153 18.12 2.16 31.78
N GLY A 154 17.68 1.10 31.11
CA GLY A 154 16.57 0.30 31.57
C GLY A 154 15.16 0.73 31.16
N LEU A 155 15.07 1.70 30.26
CA LEU A 155 13.78 2.15 29.73
C LEU A 155 13.49 1.50 28.37
N ASN A 156 12.21 1.46 28.00
CA ASN A 156 11.84 0.95 26.70
C ASN A 156 12.12 1.98 25.61
N TYR A 157 12.75 1.53 24.53
CA TYR A 157 12.78 2.33 23.31
C TYR A 157 11.38 2.37 22.72
N ILE A 158 10.93 3.55 22.31
CA ILE A 158 9.67 3.67 21.58
C ILE A 158 9.97 4.06 20.14
N ASP A 159 9.52 3.25 19.19
CA ASP A 159 9.80 3.49 17.78
C ASP A 159 8.54 4.02 17.12
N LYS A 160 8.59 5.26 16.62
CA LYS A 160 7.39 5.89 16.05
C LYS A 160 7.72 6.84 14.91
N VAL A 161 6.76 6.97 13.98
CA VAL A 161 6.87 7.92 12.89
C VAL A 161 6.64 9.33 13.43
N VAL A 162 7.58 10.24 13.21
CA VAL A 162 7.40 11.57 13.77
C VAL A 162 7.26 12.65 12.70
N VAL A 163 7.71 12.36 11.49
CA VAL A 163 7.60 13.30 10.36
C VAL A 163 7.33 12.54 9.07
N VAL A 164 6.34 12.97 8.28
CA VAL A 164 6.23 12.48 6.90
C VAL A 164 6.22 13.66 5.93
N LYS A 165 7.18 13.67 5.02
CA LYS A 165 7.20 14.67 3.96
C LYS A 165 6.74 13.99 2.70
N GLY A 166 5.91 14.67 1.92
CA GLY A 166 5.40 14.08 0.70
C GLY A 166 4.40 12.97 1.00
N THR A 167 4.56 11.85 0.31
CA THR A 167 3.60 10.77 0.38
C THR A 167 4.30 9.45 0.63
N THR A 168 3.73 8.63 1.52
CA THR A 168 4.28 7.31 1.80
C THR A 168 3.14 6.34 2.09
N ILE A 169 3.41 5.04 1.99
CA ILE A 169 2.51 4.06 2.60
C ILE A 169 3.21 3.45 3.82
N VAL A 170 2.60 3.60 5.00
CA VAL A 170 3.18 3.04 6.22
C VAL A 170 2.56 1.68 6.45
N VAL A 171 3.37 0.64 6.39
CA VAL A 171 2.88 -0.71 6.59
C VAL A 171 3.12 -1.07 8.05
N ASN A 172 2.05 -1.39 8.78
CA ASN A 172 2.16 -1.69 10.20
C ASN A 172 3.10 -2.85 10.49
N VAL A 173 3.79 -2.76 11.62
CA VAL A 173 4.63 -3.85 12.10
C VAL A 173 3.82 -4.60 13.17
N GLY A 174 3.78 -5.92 13.08
CA GLY A 174 2.93 -6.70 13.97
C GLY A 174 1.57 -7.01 13.37
N LYS A 175 0.63 -7.43 14.23
CA LYS A 175 -0.70 -7.83 13.77
C LYS A 175 -1.57 -6.63 13.43
N PRO A 176 -2.65 -6.86 12.63
CA PRO A 176 -3.58 -5.77 12.35
C PRO A 176 -4.05 -5.13 13.65
N VAL A 177 -4.11 -3.80 13.70
CA VAL A 177 -4.35 -3.14 15.00
C VAL A 177 -5.64 -2.32 15.05
N VAL A 178 -6.32 -2.42 16.18
CA VAL A 178 -7.58 -1.72 16.39
C VAL A 178 -7.35 -0.59 17.38
N ALA A 179 -7.76 0.62 17.00
CA ALA A 179 -7.68 1.75 17.91
C ALA A 179 -8.68 2.85 17.53
N PRO A 180 -8.98 3.76 18.46
CA PRO A 180 -9.73 4.96 18.09
C PRO A 180 -9.05 5.68 16.94
N SER A 181 -9.85 6.19 16.00
CA SER A 181 -9.32 6.70 14.73
C SER A 181 -8.27 7.79 14.95
N HIS A 182 -8.44 8.59 15.99
CA HIS A 182 -7.53 9.73 16.17
C HIS A 182 -6.15 9.32 16.71
N LEU A 183 -5.99 8.05 17.09
CA LEU A 183 -4.70 7.57 17.58
C LEU A 183 -3.81 6.98 16.48
N PHE A 184 -4.37 6.81 15.28
CA PHE A 184 -3.61 6.41 14.10
C PHE A 184 -2.87 7.59 13.52
N LEU A 185 -1.77 7.35 12.82
CA LEU A 185 -1.22 8.35 11.93
C LEU A 185 -2.37 8.87 11.06
N LYS A 186 -2.42 10.17 10.83
CA LYS A 186 -3.50 10.73 10.01
C LYS A 186 -3.19 10.45 8.54
N GLY A 187 -4.11 9.77 7.86
CA GLY A 187 -3.86 9.37 6.50
C GLY A 187 -5.09 9.62 5.65
N VAL A 188 -4.92 9.52 4.33
CA VAL A 188 -6.06 9.67 3.43
C VAL A 188 -6.85 8.37 3.32
N SER A 189 -6.20 7.24 3.59
CA SER A 189 -6.85 5.94 3.44
C SER A 189 -6.20 4.89 4.33
N TYR A 190 -6.99 3.91 4.75
CA TYR A 190 -6.54 2.90 5.69
C TYR A 190 -6.96 1.55 5.18
N THR A 191 -5.99 0.69 4.89
CA THR A 191 -6.33 -0.69 4.56
C THR A 191 -6.67 -1.42 5.85
N THR A 192 -7.80 -2.11 5.86
CA THR A 192 -8.17 -2.89 7.03
C THR A 192 -8.39 -4.36 6.66
N PHE A 193 -8.29 -5.22 7.67
CA PHE A 193 -8.43 -6.66 7.48
C PHE A 193 -9.34 -7.21 8.56
N LEU A 194 -10.55 -7.57 8.18
CA LEU A 194 -11.59 -7.95 9.15
C LEU A 194 -11.99 -9.41 9.03
N ASP A 195 -12.43 -9.97 10.14
CA ASP A 195 -12.95 -11.32 10.22
C ASP A 195 -14.15 -11.47 9.28
N ASN A 196 -14.15 -12.52 8.47
CA ASN A 196 -15.20 -12.72 7.48
C ASN A 196 -16.06 -13.93 7.80
N GLY A 197 -15.84 -14.55 8.95
CA GLY A 197 -16.59 -15.72 9.37
C GLY A 197 -15.84 -17.02 9.16
N ASN A 198 -16.39 -18.12 9.68
CA ASN A 198 -15.81 -19.46 9.47
C ASN A 198 -15.77 -19.82 7.99
N GLY A 199 -14.77 -20.61 7.60
CA GLY A 199 -14.70 -21.14 6.25
C GLY A 199 -13.89 -20.32 5.26
N VAL A 200 -13.66 -19.05 5.56
CA VAL A 200 -13.02 -18.17 4.59
C VAL A 200 -11.96 -17.30 5.28
N ALA A 201 -10.99 -16.81 4.51
CA ALA A 201 -9.97 -15.91 5.04
C ALA A 201 -10.60 -14.59 5.48
N GLY A 202 -9.87 -13.81 6.27
CA GLY A 202 -10.31 -12.47 6.60
C GLY A 202 -10.48 -11.65 5.33
N HIS A 203 -11.14 -10.50 5.43
CA HIS A 203 -11.47 -9.71 4.25
C HIS A 203 -10.77 -8.35 4.24
N TYR A 204 -10.13 -8.02 3.11
CA TYR A 204 -9.45 -6.74 2.92
C TYR A 204 -10.38 -5.66 2.38
N THR A 205 -10.39 -4.47 2.99
CA THR A 205 -11.10 -3.32 2.44
C THR A 205 -10.26 -2.07 2.66
N VAL A 206 -10.66 -0.93 2.10
CA VAL A 206 -9.94 0.32 2.36
C VAL A 206 -10.90 1.39 2.86
N PHE A 207 -10.59 1.93 4.03
CA PHE A 207 -11.37 3.00 4.62
C PHE A 207 -10.95 4.34 4.01
N ASP A 208 -11.92 5.05 3.44
CA ASP A 208 -11.66 6.37 2.85
C ASP A 208 -11.85 7.49 3.86
N HIS A 209 -10.77 8.20 4.21
CA HIS A 209 -10.88 9.21 5.28
C HIS A 209 -11.87 10.34 5.02
N ASP A 210 -11.90 10.87 3.80
N ASP A 210 -11.86 10.87 3.80
CA ASP A 210 -12.69 12.07 3.52
CA ASP A 210 -12.67 12.01 3.42
C ASP A 210 -14.20 11.81 3.50
C ASP A 210 -14.16 11.76 3.61
N THR A 211 -14.63 10.65 3.05
CA THR A 211 -16.05 10.32 3.09
C THR A 211 -16.47 9.52 4.31
N GLY A 212 -15.51 8.86 4.96
CA GLY A 212 -15.85 7.98 6.08
C GLY A 212 -16.49 6.68 5.60
N MET A 213 -16.46 6.45 4.30
CA MET A 213 -16.98 5.22 3.67
C MET A 213 -15.86 4.24 3.36
N VAL A 214 -16.23 3.01 3.02
CA VAL A 214 -15.26 1.94 2.83
C VAL A 214 -15.35 1.35 1.42
N HIS A 215 -14.21 1.30 0.73
CA HIS A 215 -14.09 0.54 -0.51
C HIS A 215 -14.08 -0.96 -0.20
N ASP A 216 -15.16 -1.65 -0.58
CA ASP A 216 -15.26 -3.09 -0.39
C ASP A 216 -15.48 -3.73 -1.76
N GLY A 217 -14.42 -4.28 -2.36
CA GLY A 217 -14.53 -4.73 -3.73
C GLY A 217 -14.91 -3.54 -4.59
N ASP A 218 -15.99 -3.64 -5.36
CA ASP A 218 -16.39 -2.50 -6.18
C ASP A 218 -17.61 -1.75 -5.64
N VAL A 219 -17.85 -1.84 -4.33
CA VAL A 219 -18.94 -1.06 -3.76
C VAL A 219 -18.43 -0.14 -2.64
N PHE A 220 -19.28 0.78 -2.22
CA PHE A 220 -18.94 1.77 -1.20
C PHE A 220 -19.89 1.53 -0.03
N VAL A 221 -19.32 1.12 1.10
CA VAL A 221 -20.11 0.67 2.24
C VAL A 221 -19.81 1.50 3.48
N PRO A 222 -20.82 1.68 4.34
CA PRO A 222 -20.57 2.41 5.58
C PRO A 222 -19.51 1.68 6.39
N GLY A 223 -18.70 2.44 7.12
CA GLY A 223 -17.66 1.79 7.90
C GLY A 223 -17.33 2.53 9.18
N ASP A 224 -16.62 1.85 10.07
CA ASP A 224 -16.22 2.42 11.34
C ASP A 224 -14.75 2.11 11.57
N LEU A 225 -13.89 3.10 11.40
CA LEU A 225 -12.45 2.88 11.48
C LEU A 225 -12.07 2.51 12.91
N ASN A 226 -12.88 2.93 13.87
CA ASN A 226 -12.59 2.67 15.27
C ASN A 226 -12.59 1.20 15.62
N VAL A 227 -13.24 0.37 14.81
CA VAL A 227 -13.29 -1.06 15.10
C VAL A 227 -12.74 -1.93 13.96
N SER A 228 -12.00 -1.30 13.04
CA SER A 228 -11.40 -1.99 11.90
C SER A 228 -9.90 -2.20 12.10
N PRO A 229 -9.43 -3.46 12.08
CA PRO A 229 -7.99 -3.69 12.27
C PRO A 229 -7.18 -3.18 11.07
N VAL A 230 -6.32 -2.22 11.34
CA VAL A 230 -5.56 -1.55 10.28
C VAL A 230 -4.24 -2.26 9.95
N THR A 231 -3.96 -2.47 8.65
CA THR A 231 -2.67 -3.05 8.25
C THR A 231 -1.73 -2.03 7.58
N ASN A 232 -2.26 -1.01 6.90
CA ASN A 232 -1.40 0.02 6.35
C ASN A 232 -2.15 1.33 6.14
N VAL A 233 -1.41 2.43 6.03
N VAL A 233 -1.41 2.43 6.02
CA VAL A 233 -2.04 3.74 5.88
CA VAL A 233 -2.00 3.77 5.92
C VAL A 233 -1.29 4.60 4.87
C VAL A 233 -1.28 4.60 4.86
N VAL A 234 -2.03 5.26 3.98
CA VAL A 234 -1.42 6.21 3.08
C VAL A 234 -1.38 7.56 3.77
N VAL A 235 -0.17 8.03 4.08
CA VAL A 235 0.02 9.34 4.67
C VAL A 235 0.54 10.27 3.58
N SER A 236 -0.16 11.37 3.33
CA SER A 236 0.12 12.15 2.14
C SER A 236 -0.12 13.65 2.32
N GLU A 237 0.90 14.46 2.05
CA GLU A 237 0.65 15.88 1.83
C GLU A 237 0.79 16.13 0.34
N GLN A 238 -0.35 16.23 -0.32
CA GLN A 238 -0.39 16.27 -1.77
C GLN A 238 0.09 17.59 -2.32
N THR A 239 0.61 17.56 -3.54
CA THR A 239 1.01 18.77 -4.24
C THR A 239 -0.19 19.29 -5.05
N ALA A 240 -0.19 20.57 -5.39
CA ALA A 240 -1.37 21.17 -6.04
C ALA A 240 -1.40 20.88 -7.54
N VAL A 241 -0.24 20.86 -8.17
CA VAL A 241 -0.17 20.72 -9.62
C VAL A 241 0.76 19.57 -9.99
N VAL A 242 0.23 18.59 -10.72
CA VAL A 242 1.03 17.45 -11.17
C VAL A 242 2.13 17.86 -12.15
N ILE A 243 3.35 17.44 -11.86
CA ILE A 243 4.51 17.77 -12.67
C ILE A 243 5.04 16.56 -13.43
N LYS A 244 5.02 16.63 -14.75
CA LYS A 244 5.58 15.58 -15.59
C LYS A 244 6.75 16.14 -16.37
N ASP A 245 7.66 15.24 -16.79
CA ASP A 245 8.80 15.62 -17.63
C ASP A 245 8.48 15.36 -19.09
N PRO A 246 8.89 16.28 -19.98
CA PRO A 246 8.77 16.02 -21.42
C PRO A 246 9.50 14.72 -21.81
N VAL A 247 8.93 13.99 -22.77
CA VAL A 247 9.57 12.77 -23.28
C VAL A 247 10.81 13.16 -24.08
N LYS A 248 11.92 12.45 -23.89
CA LYS A 248 13.11 12.74 -24.68
C LYS A 248 12.92 12.26 -26.13
#